data_6CZJ
#
_entry.id   6CZJ
#
_cell.length_a   42.915
_cell.length_b   36.678
_cell.length_c   61.912
_cell.angle_alpha   90.000
_cell.angle_beta   91.080
_cell.angle_gamma   90.000
#
_symmetry.space_group_name_H-M   'P 1 21 1'
#
loop_
_entity.id
_entity.type
_entity.pdbx_description
1 polymer b10
2 non-polymer 'SULFATE ION'
3 water water
#
_entity_poly.entity_id   1
_entity_poly.type   'polypeptide(L)'
_entity_poly.pdbx_seq_one_letter_code
;SALAQQLPGTWKMDVTSEDGVRTTGQMHIQPKTPTTMDVTLTGTHADGKPFTGQGKITVKTPTTVDITVTYEDGSTATGQ
LTVDSPTQFKFDMTASDGTRFTGTVQRQS
;
_entity_poly.pdbx_strand_id   A,B
#
# COMPACT_ATOMS: atom_id res chain seq x y z
N SER A 1 -23.91 -12.72 -1.66
CA SER A 1 -23.11 -13.84 -1.17
C SER A 1 -22.16 -13.37 -0.08
N ALA A 2 -21.49 -14.33 0.56
CA ALA A 2 -20.54 -13.99 1.61
C ALA A 2 -19.30 -13.31 1.04
N LEU A 3 -18.82 -13.78 -0.11
CA LEU A 3 -17.64 -13.16 -0.73
C LEU A 3 -17.90 -11.70 -1.06
N ALA A 4 -19.10 -11.39 -1.57
CA ALA A 4 -19.43 -10.02 -1.93
C ALA A 4 -19.45 -9.09 -0.73
N GLN A 5 -19.73 -9.62 0.46
CA GLN A 5 -19.75 -8.79 1.66
C GLN A 5 -18.38 -8.68 2.31
N GLN A 6 -17.55 -9.73 2.23
CA GLN A 6 -16.26 -9.74 2.91
C GLN A 6 -15.16 -9.08 2.11
N LEU A 7 -15.13 -9.31 0.79
CA LEU A 7 -14.00 -8.84 -0.02
C LEU A 7 -13.84 -7.32 -0.03
N PRO A 8 -14.88 -6.49 -0.10
CA PRO A 8 -14.67 -5.04 -0.07
C PRO A 8 -13.89 -4.61 1.16
N GLY A 9 -12.92 -3.71 0.95
CA GLY A 9 -12.07 -3.22 2.00
C GLY A 9 -10.62 -3.20 1.56
N THR A 10 -9.74 -3.00 2.53
CA THR A 10 -8.31 -2.86 2.29
C THR A 10 -7.57 -4.03 2.92
N TRP A 11 -6.65 -4.63 2.18
CA TRP A 11 -5.94 -5.83 2.59
C TRP A 11 -4.43 -5.64 2.39
N LYS A 12 -3.65 -6.28 3.25
CA LYS A 12 -2.20 -6.31 3.08
C LYS A 12 -1.81 -7.54 2.28
N MET A 13 -1.09 -7.32 1.19
CA MET A 13 -0.53 -8.41 0.40
C MET A 13 0.77 -8.89 1.02
N ASP A 14 0.98 -10.20 1.00
CA ASP A 14 2.25 -10.79 1.45
C ASP A 14 2.44 -12.06 0.63
N VAL A 15 3.24 -11.96 -0.42
CA VAL A 15 3.38 -13.02 -1.40
C VAL A 15 4.86 -13.29 -1.65
N THR A 16 5.13 -14.44 -2.26
CA THR A 16 6.49 -14.87 -2.56
C THR A 16 6.49 -15.59 -3.91
N SER A 17 7.43 -15.21 -4.77
CA SER A 17 7.55 -15.88 -6.06
C SER A 17 8.11 -17.29 -5.88
N GLU A 18 8.03 -18.08 -6.95
CA GLU A 18 8.57 -19.44 -6.90
C GLU A 18 10.08 -19.44 -6.71
N ASP A 19 10.75 -18.34 -7.02
CA ASP A 19 12.18 -18.19 -6.79
C ASP A 19 12.51 -17.57 -5.43
N GLY A 20 11.50 -17.37 -4.58
CA GLY A 20 11.71 -16.91 -3.23
C GLY A 20 11.70 -15.41 -3.03
N VAL A 21 11.25 -14.64 -4.01
CA VAL A 21 11.23 -13.18 -3.89
C VAL A 21 9.95 -12.76 -3.17
N ARG A 22 10.10 -12.18 -1.99
CA ARG A 22 8.96 -11.76 -1.19
C ARG A 22 8.62 -10.30 -1.48
N THR A 23 7.34 -10.03 -1.74
CA THR A 23 6.86 -8.68 -1.95
C THR A 23 5.55 -8.49 -1.20
N THR A 24 5.35 -7.31 -0.65
CA THR A 24 4.12 -6.93 0.04
C THR A 24 3.44 -5.80 -0.73
N GLY A 25 2.26 -5.43 -0.26
CA GLY A 25 1.52 -4.36 -0.89
C GLY A 25 0.15 -4.22 -0.26
N GLN A 26 -0.66 -3.35 -0.86
CA GLN A 26 -2.03 -3.12 -0.44
C GLN A 26 -2.97 -3.52 -1.57
N MET A 27 -4.00 -4.29 -1.23
CA MET A 27 -5.06 -4.64 -2.16
C MET A 27 -6.34 -3.96 -1.72
N HIS A 28 -6.85 -3.05 -2.56
CA HIS A 28 -8.07 -2.30 -2.27
C HIS A 28 -9.17 -2.80 -3.20
N ILE A 29 -10.20 -3.41 -2.63
CA ILE A 29 -11.28 -4.03 -3.39
C ILE A 29 -12.53 -3.18 -3.21
N GLN A 30 -13.09 -2.72 -4.34
CA GLN A 30 -14.29 -1.89 -4.33
C GLN A 30 -15.46 -2.62 -4.97
N PRO A 31 -16.66 -2.51 -4.40
CA PRO A 31 -17.82 -3.15 -5.02
C PRO A 31 -18.13 -2.55 -6.38
N LYS A 32 -18.75 -3.37 -7.23
CA LYS A 32 -19.20 -2.92 -8.55
C LYS A 32 -20.53 -3.57 -8.91
N THR A 33 -20.53 -4.89 -9.04
CA THR A 33 -21.72 -5.69 -9.29
C THR A 33 -21.80 -6.78 -8.23
N PRO A 34 -22.96 -7.42 -8.08
CA PRO A 34 -23.08 -8.50 -7.08
C PRO A 34 -22.06 -9.62 -7.26
N THR A 35 -21.49 -9.79 -8.46
CA THR A 35 -20.52 -10.85 -8.70
C THR A 35 -19.16 -10.36 -9.16
N THR A 36 -19.00 -9.08 -9.49
CA THR A 36 -17.72 -8.53 -9.90
C THR A 36 -17.36 -7.34 -9.04
N MET A 37 -16.05 -7.12 -8.86
CA MET A 37 -15.54 -6.04 -8.04
C MET A 37 -14.31 -5.44 -8.70
N ASP A 38 -14.11 -4.14 -8.46
CA ASP A 38 -12.87 -3.48 -8.85
C ASP A 38 -11.80 -3.72 -7.80
N VAL A 39 -10.54 -3.74 -8.24
CA VAL A 39 -9.42 -3.98 -7.34
C VAL A 39 -8.25 -3.10 -7.78
N THR A 40 -7.51 -2.59 -6.80
CA THR A 40 -6.31 -1.79 -7.04
C THR A 40 -5.18 -2.35 -6.17
N LEU A 41 -4.03 -2.61 -6.80
CA LEU A 41 -2.85 -3.12 -6.10
C LEU A 41 -1.77 -2.05 -6.12
N THR A 42 -1.26 -1.71 -4.94
CA THR A 42 -0.21 -0.72 -4.80
C THR A 42 0.88 -1.27 -3.89
N GLY A 43 2.09 -0.75 -4.05
CA GLY A 43 3.22 -1.17 -3.24
C GLY A 43 4.51 -0.95 -4.00
N THR A 44 5.56 -1.60 -3.50
CA THR A 44 6.87 -1.55 -4.14
C THR A 44 7.39 -2.96 -4.35
N HIS A 45 8.08 -3.17 -5.47
CA HIS A 45 8.70 -4.45 -5.76
C HIS A 45 9.90 -4.69 -4.85
N ALA A 46 10.56 -5.84 -5.02
CA ALA A 46 11.72 -6.15 -4.21
C ALA A 46 12.87 -5.20 -4.46
N ASP A 47 12.91 -4.54 -5.61
CA ASP A 47 13.93 -3.54 -5.90
C ASP A 47 13.59 -2.16 -5.35
N GLY A 48 12.50 -2.04 -4.58
CA GLY A 48 12.12 -0.78 -4.00
C GLY A 48 11.33 0.15 -4.90
N LYS A 49 11.10 -0.24 -6.17
CA LYS A 49 10.38 0.66 -7.07
C LYS A 49 8.89 0.42 -6.97
N PRO A 50 8.10 1.49 -7.01
CA PRO A 50 6.65 1.34 -6.79
C PRO A 50 5.97 0.66 -7.96
N PHE A 51 4.83 0.03 -7.66
CA PHE A 51 3.97 -0.55 -8.69
C PHE A 51 2.53 -0.13 -8.42
N THR A 52 1.74 -0.07 -9.50
CA THR A 52 0.33 0.26 -9.42
C THR A 52 -0.42 -0.62 -10.41
N GLY A 53 -1.43 -1.34 -9.93
CA GLY A 53 -2.23 -2.19 -10.78
C GLY A 53 -3.70 -2.05 -10.47
N GLN A 54 -4.51 -2.18 -11.51
CA GLN A 54 -5.96 -2.11 -11.41
C GLN A 54 -6.57 -3.24 -12.23
N GLY A 55 -7.66 -3.81 -11.74
CA GLY A 55 -8.27 -4.91 -12.44
C GLY A 55 -9.65 -5.23 -11.91
N LYS A 56 -10.08 -6.47 -12.16
CA LYS A 56 -11.42 -6.94 -11.84
C LYS A 56 -11.34 -8.24 -11.05
N ILE A 57 -12.23 -8.37 -10.07
CA ILE A 57 -12.40 -9.61 -9.31
C ILE A 57 -13.76 -10.19 -9.67
N THR A 58 -13.79 -11.45 -10.09
CA THR A 58 -15.02 -12.12 -10.50
C THR A 58 -15.19 -13.40 -9.68
N VAL A 59 -16.40 -13.60 -9.15
CA VAL A 59 -16.67 -14.78 -8.34
C VAL A 59 -16.65 -16.02 -9.21
N LYS A 60 -15.99 -17.07 -8.73
CA LYS A 60 -15.92 -18.35 -9.41
C LYS A 60 -16.68 -19.44 -8.67
N THR A 61 -16.51 -19.55 -7.35
CA THR A 61 -17.27 -20.44 -6.48
C THR A 61 -17.67 -19.65 -5.24
N PRO A 62 -18.51 -20.20 -4.34
CA PRO A 62 -18.80 -19.48 -3.09
C PRO A 62 -17.58 -19.20 -2.22
N THR A 63 -16.44 -19.86 -2.47
CA THR A 63 -15.24 -19.65 -1.68
C THR A 63 -14.06 -19.13 -2.48
N THR A 64 -14.18 -19.01 -3.81
CA THR A 64 -13.08 -18.59 -4.66
C THR A 64 -13.54 -17.50 -5.60
N VAL A 65 -12.60 -16.61 -5.96
CA VAL A 65 -12.83 -15.57 -6.94
C VAL A 65 -11.64 -15.50 -7.88
N ASP A 66 -11.90 -15.19 -9.14
CA ASP A 66 -10.85 -14.88 -10.08
C ASP A 66 -10.41 -13.43 -9.91
N ILE A 67 -9.13 -13.18 -10.18
CA ILE A 67 -8.59 -11.82 -10.12
C ILE A 67 -7.65 -11.62 -11.30
N THR A 68 -7.85 -10.52 -12.03
CA THR A 68 -7.02 -10.15 -13.17
C THR A 68 -6.60 -8.70 -12.98
N VAL A 69 -5.30 -8.44 -13.11
CA VAL A 69 -4.73 -7.13 -12.83
C VAL A 69 -3.85 -6.70 -14.00
N THR A 70 -4.02 -5.46 -14.44
CA THR A 70 -3.13 -4.83 -15.40
C THR A 70 -2.35 -3.74 -14.68
N TYR A 71 -1.03 -3.85 -14.68
CA TYR A 71 -0.19 -2.87 -14.01
C TYR A 71 0.09 -1.68 -14.93
N GLU A 72 0.74 -0.65 -14.36
CA GLU A 72 0.93 0.60 -15.09
C GLU A 72 1.82 0.43 -16.31
N ASP A 73 2.76 -0.52 -16.28
CA ASP A 73 3.64 -0.75 -17.42
C ASP A 73 3.03 -1.70 -18.45
N GLY A 74 1.73 -2.00 -18.34
CA GLY A 74 1.08 -2.91 -19.24
C GLY A 74 1.18 -4.37 -18.86
N SER A 75 1.95 -4.70 -17.83
CA SER A 75 2.04 -6.08 -17.37
C SER A 75 0.67 -6.57 -16.90
N THR A 76 0.38 -7.83 -17.18
CA THR A 76 -0.89 -8.45 -16.81
C THR A 76 -0.63 -9.73 -16.04
N ALA A 77 -1.46 -9.97 -15.03
CA ALA A 77 -1.40 -11.19 -14.23
C ALA A 77 -2.80 -11.62 -13.89
N THR A 78 -3.03 -12.94 -13.86
CA THR A 78 -4.31 -13.50 -13.48
C THR A 78 -4.10 -14.53 -12.38
N GLY A 79 -5.11 -14.68 -11.54
CA GLY A 79 -5.00 -15.61 -10.45
C GLY A 79 -6.31 -15.80 -9.72
N GLN A 80 -6.20 -16.28 -8.48
CA GLN A 80 -7.37 -16.62 -7.68
C GLN A 80 -7.15 -16.16 -6.24
N LEU A 81 -8.24 -15.74 -5.61
CA LEU A 81 -8.29 -15.52 -4.17
C LEU A 81 -9.27 -16.53 -3.57
N THR A 82 -8.84 -17.20 -2.51
CA THR A 82 -9.64 -18.24 -1.86
C THR A 82 -9.79 -17.89 -0.38
N VAL A 83 -11.03 -17.88 0.10
CA VAL A 83 -11.27 -17.51 1.49
C VAL A 83 -10.63 -18.54 2.41
N ASP A 84 -10.01 -18.05 3.49
CA ASP A 84 -9.25 -18.91 4.39
C ASP A 84 -9.68 -18.70 5.83
N SER A 85 -10.08 -17.48 6.15
CA SER A 85 -10.49 -17.10 7.50
C SER A 85 -11.32 -15.83 7.38
N PRO A 86 -11.98 -15.42 8.48
CA PRO A 86 -12.70 -14.13 8.43
C PRO A 86 -11.81 -12.95 8.07
N THR A 87 -10.48 -13.07 8.18
CA THR A 87 -9.57 -11.96 7.96
C THR A 87 -8.49 -12.28 6.94
N GLN A 88 -8.64 -13.34 6.14
CA GLN A 88 -7.54 -13.76 5.28
C GLN A 88 -8.06 -14.54 4.08
N PHE A 89 -7.48 -14.23 2.92
CA PHE A 89 -7.65 -15.02 1.71
C PHE A 89 -6.30 -15.56 1.27
N LYS A 90 -6.30 -16.73 0.64
CA LYS A 90 -5.13 -17.20 -0.08
C LYS A 90 -4.97 -16.45 -1.39
N PHE A 91 -3.73 -16.10 -1.71
CA PHE A 91 -3.40 -15.32 -2.88
C PHE A 91 -2.51 -16.16 -3.79
N ASP A 92 -2.88 -16.24 -5.06
CA ASP A 92 -2.15 -17.05 -6.04
C ASP A 92 -2.34 -16.41 -7.40
N MET A 93 -1.28 -15.81 -7.95
CA MET A 93 -1.34 -15.13 -9.23
C MET A 93 -0.12 -15.48 -10.07
N THR A 94 -0.30 -15.41 -11.38
CA THR A 94 0.74 -15.76 -12.34
C THR A 94 0.83 -14.66 -13.40
N ALA A 95 2.04 -14.14 -13.62
CA ALA A 95 2.25 -13.15 -14.66
C ALA A 95 2.34 -13.83 -16.03
N SER A 96 2.34 -13.00 -17.08
CA SER A 96 2.37 -13.53 -18.43
C SER A 96 3.66 -14.30 -18.71
N ASP A 97 4.78 -13.86 -18.13
CA ASP A 97 6.06 -14.51 -18.36
C ASP A 97 6.23 -15.81 -17.56
N GLY A 98 5.19 -16.24 -16.85
CA GLY A 98 5.25 -17.46 -16.08
C GLY A 98 5.61 -17.30 -14.62
N THR A 99 5.93 -16.08 -14.17
CA THR A 99 6.29 -15.87 -12.79
C THR A 99 5.05 -15.99 -11.91
N ARG A 100 5.12 -16.87 -10.91
CA ARG A 100 3.99 -17.17 -10.05
C ARG A 100 4.26 -16.69 -8.63
N PHE A 101 3.27 -16.04 -8.03
CA PHE A 101 3.34 -15.54 -6.66
C PHE A 101 2.23 -16.19 -5.84
N THR A 102 2.59 -16.79 -4.71
CA THR A 102 1.62 -17.34 -3.78
C THR A 102 1.82 -16.71 -2.40
N GLY A 103 0.73 -16.59 -1.66
CA GLY A 103 0.76 -15.95 -0.36
C GLY A 103 -0.63 -15.68 0.19
N THR A 104 -0.79 -14.56 0.87
CA THR A 104 -2.05 -14.22 1.52
C THR A 104 -2.36 -12.74 1.32
N VAL A 105 -3.63 -12.41 1.50
CA VAL A 105 -4.06 -11.04 1.74
C VAL A 105 -4.79 -11.03 3.08
N GLN A 106 -4.39 -10.13 3.98
CA GLN A 106 -4.93 -10.05 5.33
C GLN A 106 -5.59 -8.70 5.52
N ARG A 107 -6.73 -8.70 6.21
CA ARG A 107 -7.57 -7.50 6.32
C ARG A 107 -6.85 -6.40 7.09
N GLN A 108 -6.90 -5.19 6.55
CA GLN A 108 -6.35 -4.02 7.22
C GLN A 108 -7.41 -2.92 7.33
N SER B 1 17.36 3.48 20.32
CA SER B 1 17.43 3.54 18.87
C SER B 1 17.25 4.96 18.35
N ALA B 2 18.10 5.37 17.41
CA ALA B 2 18.01 6.68 16.80
C ALA B 2 16.82 6.75 15.85
N LEU B 3 16.64 7.92 15.22
CA LEU B 3 15.55 8.08 14.26
C LEU B 3 15.92 7.48 12.91
N ALA B 4 17.16 7.70 12.44
CA ALA B 4 17.60 7.13 11.18
C ALA B 4 17.69 5.61 11.22
N GLN B 5 17.59 5.00 12.40
CA GLN B 5 17.53 3.55 12.53
C GLN B 5 16.11 3.04 12.75
N GLN B 6 15.25 3.85 13.37
CA GLN B 6 13.85 3.43 13.57
C GLN B 6 13.09 3.42 12.26
N LEU B 7 13.30 4.42 11.42
CA LEU B 7 12.42 4.70 10.29
C LEU B 7 12.55 3.75 9.10
N PRO B 8 13.76 3.33 8.69
CA PRO B 8 13.86 2.46 7.51
C PRO B 8 13.02 1.21 7.65
N GLY B 9 12.27 0.89 6.60
CA GLY B 9 11.36 -0.22 6.57
C GLY B 9 10.10 0.14 5.81
N THR B 10 9.07 -0.69 5.95
CA THR B 10 7.78 -0.49 5.30
C THR B 10 6.71 -0.26 6.36
N TRP B 11 5.90 0.77 6.18
CA TRP B 11 4.95 1.23 7.17
C TRP B 11 3.54 1.28 6.57
N LYS B 12 2.55 0.93 7.37
CA LYS B 12 1.16 1.01 6.95
C LYS B 12 0.64 2.42 7.22
N MET B 13 0.18 3.10 6.18
CA MET B 13 -0.20 4.50 6.25
C MET B 13 -1.72 4.63 6.30
N ASP B 14 -2.20 5.48 7.20
CA ASP B 14 -3.63 5.72 7.37
C ASP B 14 -3.79 7.16 7.84
N VAL B 15 -4.26 8.04 6.95
CA VAL B 15 -4.37 9.47 7.25
C VAL B 15 -5.68 10.01 6.68
N THR B 16 -6.07 11.17 7.18
CA THR B 16 -7.31 11.82 6.76
C THR B 16 -7.15 13.33 6.86
N SER B 17 -7.83 14.03 5.95
CA SER B 17 -7.98 15.48 6.12
C SER B 17 -9.07 15.76 7.14
N GLU B 18 -9.15 17.03 7.56
CA GLU B 18 -10.18 17.43 8.52
C GLU B 18 -11.59 17.32 7.96
N ASP B 19 -11.74 17.14 6.64
CA ASP B 19 -13.04 17.02 6.01
C ASP B 19 -13.39 15.58 5.64
N GLY B 20 -12.68 14.61 6.19
CA GLY B 20 -13.02 13.21 5.98
C GLY B 20 -12.44 12.57 4.73
N VAL B 21 -11.50 13.21 4.06
CA VAL B 21 -10.84 12.61 2.90
C VAL B 21 -9.71 11.73 3.42
N ARG B 22 -9.92 10.41 3.36
CA ARG B 22 -9.00 9.44 3.94
C ARG B 22 -8.25 8.70 2.83
N THR B 23 -6.95 8.50 3.05
CA THR B 23 -6.12 7.70 2.15
C THR B 23 -5.32 6.70 2.97
N THR B 24 -5.17 5.49 2.44
CA THR B 24 -4.35 4.46 3.05
C THR B 24 -3.32 3.96 2.05
N GLY B 25 -2.30 3.29 2.58
CA GLY B 25 -1.25 2.76 1.72
C GLY B 25 -0.03 2.36 2.51
N GLN B 26 1.13 2.48 1.85
CA GLN B 26 2.40 2.07 2.42
C GLN B 26 3.43 3.17 2.24
N MET B 27 4.22 3.39 3.29
CA MET B 27 5.37 4.29 3.26
C MET B 27 6.62 3.42 3.30
N HIS B 28 7.42 3.47 2.24
CA HIS B 28 8.63 2.67 2.11
C HIS B 28 9.82 3.60 2.32
N ILE B 29 10.58 3.37 3.40
CA ILE B 29 11.68 4.24 3.80
C ILE B 29 12.99 3.50 3.60
N GLN B 30 13.87 4.07 2.79
CA GLN B 30 15.19 3.52 2.53
C GLN B 30 16.27 4.41 3.15
N PRO B 31 17.27 3.82 3.80
CA PRO B 31 18.32 4.63 4.39
C PRO B 31 19.12 5.37 3.34
N LYS B 32 19.67 6.51 3.73
CA LYS B 32 20.52 7.31 2.84
C LYS B 32 21.77 7.79 3.57
N THR B 33 21.61 8.72 4.50
CA THR B 33 22.67 9.25 5.33
C THR B 33 22.25 9.12 6.79
N PRO B 34 23.18 9.35 7.73
CA PRO B 34 22.79 9.31 9.15
C PRO B 34 21.68 10.29 9.53
N THR B 35 21.34 11.26 8.68
CA THR B 35 20.27 12.19 8.97
C THR B 35 19.18 12.27 7.89
N THR B 36 19.32 11.53 6.79
CA THR B 36 18.35 11.60 5.70
C THR B 36 17.99 10.20 5.22
N MET B 37 16.78 10.10 4.64
CA MET B 37 16.29 8.85 4.07
C MET B 37 15.46 9.17 2.83
N ASP B 38 15.47 8.24 1.88
CA ASP B 38 14.56 8.28 0.75
C ASP B 38 13.25 7.61 1.14
N VAL B 39 12.14 8.14 0.63
CA VAL B 39 10.81 7.64 0.97
C VAL B 39 10.00 7.47 -0.30
N THR B 40 9.21 6.40 -0.34
CA THR B 40 8.26 6.16 -1.43
C THR B 40 6.90 5.93 -0.81
N LEU B 41 5.89 6.64 -1.33
CA LEU B 41 4.52 6.51 -0.87
C LEU B 41 3.67 5.89 -1.97
N THR B 42 2.94 4.83 -1.62
CA THR B 42 1.96 4.23 -2.51
C THR B 42 0.68 3.99 -1.73
N GLY B 43 -0.44 3.93 -2.44
CA GLY B 43 -1.71 3.71 -1.78
C GLY B 43 -2.85 4.12 -2.68
N THR B 44 -4.04 4.21 -2.07
CA THR B 44 -5.27 4.51 -2.77
C THR B 44 -6.08 5.54 -1.99
N HIS B 45 -6.91 6.28 -2.72
CA HIS B 45 -7.93 7.10 -2.09
C HIS B 45 -9.08 6.21 -1.64
N ALA B 46 -10.10 6.83 -1.05
CA ALA B 46 -11.24 6.06 -0.55
C ALA B 46 -12.01 5.37 -1.67
N ASP B 47 -11.93 5.89 -2.91
CA ASP B 47 -12.62 5.31 -4.05
C ASP B 47 -11.73 4.37 -4.86
N GLY B 48 -10.60 3.95 -4.31
CA GLY B 48 -9.70 3.04 -4.99
C GLY B 48 -8.75 3.67 -5.98
N LYS B 49 -8.82 4.99 -6.17
CA LYS B 49 -7.91 5.67 -7.09
C LYS B 49 -6.50 5.66 -6.51
N PRO B 50 -5.51 5.14 -7.23
CA PRO B 50 -4.16 4.99 -6.66
C PRO B 50 -3.33 6.26 -6.78
N PHE B 51 -2.30 6.33 -5.94
CA PHE B 51 -1.31 7.39 -6.01
C PHE B 51 0.06 6.80 -5.76
N THR B 52 1.08 7.49 -6.29
CA THR B 52 2.47 7.12 -6.08
C THR B 52 3.25 8.40 -5.81
N GLY B 53 4.09 8.38 -4.78
CA GLY B 53 4.88 9.55 -4.43
C GLY B 53 6.29 9.15 -4.04
N GLN B 54 7.22 10.07 -4.30
CA GLN B 54 8.61 9.90 -3.93
C GLN B 54 9.12 11.18 -3.27
N GLY B 55 9.99 11.02 -2.28
CA GLY B 55 10.50 12.19 -1.59
C GLY B 55 11.66 11.87 -0.67
N LYS B 56 11.84 12.74 0.31
CA LYS B 56 13.00 12.70 1.18
C LYS B 56 12.59 12.99 2.62
N ILE B 57 13.24 12.31 3.56
CA ILE B 57 13.05 12.51 4.99
C ILE B 57 14.33 13.08 5.56
N THR B 58 14.21 14.10 6.41
CA THR B 58 15.36 14.74 7.04
C THR B 58 15.10 14.86 8.53
N VAL B 59 16.02 14.32 9.34
CA VAL B 59 15.90 14.44 10.79
C VAL B 59 15.98 15.92 11.18
N LYS B 60 15.02 16.35 12.01
CA LYS B 60 14.94 17.73 12.48
C LYS B 60 15.28 17.86 13.97
N THR B 61 14.61 17.08 14.80
CA THR B 61 14.85 17.03 16.24
C THR B 61 14.97 15.57 16.65
N PRO B 62 15.39 15.30 17.90
CA PRO B 62 15.40 13.90 18.36
C PRO B 62 14.06 13.20 18.31
N THR B 63 12.95 13.93 18.14
CA THR B 63 11.62 13.32 18.11
C THR B 63 10.88 13.53 16.81
N THR B 64 11.35 14.40 15.92
CA THR B 64 10.61 14.75 14.70
C THR B 64 11.55 14.75 13.50
N VAL B 65 10.99 14.40 12.35
CA VAL B 65 11.68 14.48 11.08
C VAL B 65 10.84 15.30 10.11
N ASP B 66 11.51 15.98 9.18
CA ASP B 66 10.84 16.64 8.08
C ASP B 66 10.69 15.66 6.92
N ILE B 67 9.57 15.75 6.22
CA ILE B 67 9.31 14.88 5.08
C ILE B 67 8.66 15.71 3.97
N THR B 68 9.17 15.57 2.76
CA THR B 68 8.57 16.15 1.57
C THR B 68 8.38 15.04 0.54
N VAL B 69 7.27 15.09 -0.20
CA VAL B 69 6.92 14.08 -1.18
C VAL B 69 6.43 14.77 -2.44
N THR B 70 6.76 14.19 -3.60
CA THR B 70 6.22 14.64 -4.88
C THR B 70 5.45 13.50 -5.52
N TYR B 71 4.23 13.78 -5.97
CA TYR B 71 3.35 12.75 -6.50
C TYR B 71 3.35 12.75 -8.02
N GLU B 72 2.87 11.66 -8.61
CA GLU B 72 2.91 11.47 -10.05
C GLU B 72 1.92 12.36 -10.80
N ASP B 73 1.06 13.08 -10.09
CA ASP B 73 0.23 14.12 -10.71
C ASP B 73 0.90 15.49 -10.68
N GLY B 74 2.16 15.56 -10.25
CA GLY B 74 2.87 16.80 -10.13
C GLY B 74 2.68 17.51 -8.80
N SER B 75 1.67 17.14 -8.03
CA SER B 75 1.44 17.77 -6.74
C SER B 75 2.52 17.34 -5.75
N THR B 76 2.70 18.17 -4.72
CA THR B 76 3.70 17.93 -3.68
C THR B 76 3.03 18.00 -2.32
N ALA B 77 3.82 17.66 -1.29
CA ALA B 77 3.35 17.74 0.09
C ALA B 77 4.55 17.90 0.99
N THR B 78 4.37 18.67 2.07
CA THR B 78 5.41 18.94 3.05
C THR B 78 4.84 18.74 4.44
N GLY B 79 5.60 18.10 5.32
CA GLY B 79 5.14 17.89 6.67
C GLY B 79 6.17 17.28 7.59
N GLN B 80 5.70 16.55 8.61
CA GLN B 80 6.57 15.98 9.62
C GLN B 80 6.05 14.62 10.06
N LEU B 81 6.98 13.75 10.45
CA LEU B 81 6.68 12.54 11.19
C LEU B 81 7.21 12.69 12.61
N THR B 82 6.43 12.25 13.58
CA THR B 82 6.77 12.40 15.00
C THR B 82 6.77 11.04 15.67
N VAL B 83 7.81 10.80 16.47
CA VAL B 83 7.96 9.53 17.17
C VAL B 83 6.76 9.27 18.06
N ASP B 84 6.35 8.00 18.13
CA ASP B 84 5.28 7.58 19.03
C ASP B 84 5.72 6.33 19.78
N SER B 85 5.89 5.23 19.05
CA SER B 85 6.29 3.96 19.63
C SER B 85 7.31 3.30 18.71
N PRO B 86 7.95 2.19 19.11
CA PRO B 86 8.84 1.49 18.18
C PRO B 86 8.16 1.01 16.91
N THR B 87 6.82 0.97 16.88
CA THR B 87 6.10 0.52 15.69
C THR B 87 5.16 1.59 15.12
N GLN B 88 5.27 2.85 15.56
CA GLN B 88 4.32 3.86 15.10
C GLN B 88 4.94 5.25 15.14
N PHE B 89 4.69 6.02 14.08
CA PHE B 89 4.98 7.44 14.03
C PHE B 89 3.70 8.20 13.71
N LYS B 90 3.62 9.43 14.22
CA LYS B 90 2.55 10.33 13.84
C LYS B 90 2.82 10.90 12.45
N PHE B 91 1.74 11.09 11.69
CA PHE B 91 1.81 11.61 10.33
C PHE B 91 1.13 12.97 10.27
N ASP B 92 1.78 13.93 9.61
CA ASP B 92 1.22 15.28 9.48
C ASP B 92 1.89 15.91 8.24
N MET B 93 1.13 15.99 7.14
CA MET B 93 1.63 16.57 5.91
C MET B 93 0.54 17.42 5.25
N THR B 94 0.93 18.58 4.75
CA THR B 94 0.03 19.50 4.06
C THR B 94 0.31 19.44 2.57
N ALA B 95 -0.70 19.03 1.80
CA ALA B 95 -0.56 18.97 0.36
C ALA B 95 -0.44 20.38 -0.23
N SER B 96 0.06 20.45 -1.47
CA SER B 96 0.31 21.74 -2.11
C SER B 96 -0.96 22.55 -2.31
N ASP B 97 -2.12 21.91 -2.32
CA ASP B 97 -3.39 22.61 -2.43
C ASP B 97 -3.89 23.14 -1.09
N GLY B 98 -3.08 23.04 -0.04
CA GLY B 98 -3.45 23.54 1.27
C GLY B 98 -4.08 22.52 2.19
N THR B 99 -4.55 21.39 1.67
CA THR B 99 -5.22 20.40 2.49
C THR B 99 -4.20 19.67 3.36
N ARG B 100 -4.47 19.62 4.66
CA ARG B 100 -3.61 18.95 5.62
C ARG B 100 -4.16 17.56 5.93
N PHE B 101 -3.29 16.55 5.88
CA PHE B 101 -3.63 15.18 6.22
C PHE B 101 -2.87 14.75 7.47
N THR B 102 -3.59 14.20 8.44
CA THR B 102 -2.99 13.71 9.67
C THR B 102 -3.40 12.27 9.89
N GLY B 103 -2.50 11.51 10.51
CA GLY B 103 -2.74 10.11 10.80
C GLY B 103 -1.54 9.40 11.39
N THR B 104 -1.36 8.12 11.05
CA THR B 104 -0.28 7.33 11.60
C THR B 104 0.37 6.50 10.50
N VAL B 105 1.62 6.13 10.74
CA VAL B 105 2.31 5.09 9.98
C VAL B 105 2.72 4.01 10.97
N GLN B 106 2.41 2.75 10.64
CA GLN B 106 2.61 1.62 11.53
C GLN B 106 3.54 0.62 10.86
N ARG B 107 4.56 0.18 11.60
CA ARG B 107 5.59 -0.68 11.02
C ARG B 107 4.99 -2.03 10.61
N GLN B 108 5.31 -2.46 9.40
CA GLN B 108 4.85 -3.73 8.87
C GLN B 108 5.95 -4.78 8.98
N SER B 109 5.54 -6.04 9.05
CA SER B 109 6.48 -7.16 9.12
C SER B 109 6.89 -7.62 7.73
#